data_6AIF
#
_entry.id   6AIF
#
_cell.length_a   112.160
_cell.length_b   112.160
_cell.length_c   43.460
_cell.angle_alpha   90.00
_cell.angle_beta   90.00
_cell.angle_gamma   90.00
#
_symmetry.space_group_name_H-M   'I 41'
#
loop_
_entity.id
_entity.type
_entity.pdbx_description
1 polymer 'Cysteine synthase'
2 polymer 'Peptide from Serine acetyltransferase'
3 water water
#
loop_
_entity_poly.entity_id
_entity_poly.type
_entity_poly.pdbx_seq_one_letter_code
_entity_poly.pdbx_strand_id
1 'polypeptide(L)'
;MGSSHHHHHHSSGLVPRGSHMASMTGGQQMGRGSMAIYADNSYSIGNTPLVRLKHFGHNGNVVVKIEGRNPSYSV(LLP)
CRIGANMVWQAEKDGTLTKGKEIVDATSGNTGIALAYVAAARGYKITLTMPETMSLERKRLLCGLGVNLVLTEGAKGAKG
AIAKAEEIVASDPSRYVMLKQFENPANPQIHRETTGPEIWKDTDGKVDVVVAGVGTGGSITGISRAIKLDFGKQITSVAV
EPVESPVISQTLAGEEVKPGPHKIQGIGAGFIPKNLDLSIIDRVETVDSDTALATARRLMAEEGILAGISSGAAVAAADR
LAKLPEFADKLIVVILPSASERYLSTALFEGIEG
;
A
2 'polypeptide(L)' WHTFEYGDGI B
#
# COMPACT_ATOMS: atom_id res chain seq x y z
N ALA A 36 11.78 -22.09 -8.47
CA ALA A 36 13.23 -22.05 -8.62
C ALA A 36 13.86 -21.29 -7.45
N ILE A 37 14.95 -20.59 -7.73
CA ILE A 37 15.78 -19.98 -6.71
C ILE A 37 15.98 -18.52 -7.08
N TYR A 38 15.53 -17.61 -6.22
CA TYR A 38 15.67 -16.18 -6.47
C TYR A 38 17.09 -15.70 -6.14
N ALA A 39 17.63 -14.83 -7.01
CA ALA A 39 19.03 -14.41 -6.87
C ALA A 39 19.23 -13.40 -5.75
N ASP A 40 18.20 -12.67 -5.36
CA ASP A 40 18.20 -11.93 -4.10
C ASP A 40 16.76 -11.81 -3.64
N ASN A 41 16.55 -11.25 -2.44
CA ASN A 41 15.21 -11.27 -1.87
C ASN A 41 14.22 -10.43 -2.66
N SER A 42 14.68 -9.38 -3.37
CA SER A 42 13.74 -8.54 -4.11
C SER A 42 12.98 -9.32 -5.17
N TYR A 43 13.62 -10.34 -5.77
CA TYR A 43 12.99 -11.07 -6.87
C TYR A 43 11.92 -12.04 -6.41
N SER A 44 11.80 -12.29 -5.10
CA SER A 44 10.81 -13.20 -4.54
C SER A 44 9.49 -12.51 -4.20
N ILE A 45 9.31 -11.27 -4.64
CA ILE A 45 8.06 -10.57 -4.36
C ILE A 45 6.86 -11.31 -4.96
N GLY A 46 5.72 -11.20 -4.31
CA GLY A 46 4.46 -11.55 -4.95
C GLY A 46 4.07 -13.01 -4.81
N ASN A 47 3.24 -13.44 -5.75
CA ASN A 47 2.61 -14.76 -5.72
C ASN A 47 1.96 -15.02 -4.35
N THR A 48 1.22 -14.02 -3.87
CA THR A 48 0.49 -14.11 -2.62
C THR A 48 -0.83 -14.85 -2.83
N PRO A 49 -1.35 -15.50 -1.79
CA PRO A 49 -2.51 -16.38 -1.97
C PRO A 49 -3.83 -15.66 -1.81
N LEU A 50 -4.85 -16.23 -2.45
CA LEU A 50 -6.25 -15.86 -2.25
C LEU A 50 -6.91 -16.79 -1.24
N VAL A 51 -7.57 -16.21 -0.26
CA VAL A 51 -8.22 -16.96 0.80
C VAL A 51 -9.68 -16.51 0.88
N ARG A 52 -10.59 -17.48 0.85
CA ARG A 52 -12.02 -17.20 0.90
C ARG A 52 -12.45 -16.95 2.34
N LEU A 53 -13.25 -15.92 2.55
CA LEU A 53 -13.73 -15.58 3.90
C LEU A 53 -15.02 -16.34 4.22
N LYS A 54 -15.19 -16.69 5.48
CA LYS A 54 -16.40 -17.40 5.91
C LYS A 54 -17.37 -16.56 6.73
N HIS A 55 -16.93 -15.47 7.33
CA HIS A 55 -17.81 -14.67 8.19
C HIS A 55 -17.98 -13.26 7.65
N PHE A 56 -17.67 -13.08 6.38
CA PHE A 56 -17.88 -11.83 5.67
C PHE A 56 -18.46 -12.22 4.33
N GLY A 57 -19.13 -11.27 3.70
CA GLY A 57 -19.69 -11.56 2.42
C GLY A 57 -20.88 -12.50 2.56
N HIS A 58 -21.25 -13.06 1.41
CA HIS A 58 -22.43 -13.90 1.30
C HIS A 58 -22.04 -15.15 0.53
N ASN A 59 -22.07 -16.29 1.23
CA ASN A 59 -21.76 -17.59 0.63
C ASN A 59 -20.43 -17.55 -0.10
N GLY A 60 -19.41 -17.01 0.56
CA GLY A 60 -18.05 -17.07 0.05
C GLY A 60 -17.74 -16.16 -1.12
N ASN A 61 -18.53 -15.11 -1.36
CA ASN A 61 -18.20 -14.25 -2.49
C ASN A 61 -17.10 -13.24 -2.19
N VAL A 62 -16.55 -13.21 -0.98
CA VAL A 62 -15.45 -12.32 -0.65
C VAL A 62 -14.18 -13.14 -0.43
N VAL A 63 -13.14 -12.82 -1.20
CA VAL A 63 -11.84 -13.47 -1.15
CA VAL A 63 -11.86 -13.47 -1.07
C VAL A 63 -10.80 -12.39 -0.88
N VAL A 64 -9.76 -12.73 -0.11
CA VAL A 64 -8.74 -11.76 0.28
C VAL A 64 -7.38 -12.20 -0.26
N LYS A 65 -6.59 -11.22 -0.71
CA LYS A 65 -5.24 -11.45 -1.21
C LYS A 65 -4.25 -11.00 -0.13
N ILE A 66 -3.48 -11.93 0.41
CA ILE A 66 -2.73 -11.70 1.65
C ILE A 66 -1.36 -11.17 1.25
N GLU A 67 -1.25 -9.84 1.11
CA GLU A 67 0.01 -9.18 0.75
C GLU A 67 1.01 -9.15 1.90
N GLY A 68 0.59 -9.47 3.13
CA GLY A 68 1.55 -9.65 4.22
C GLY A 68 2.55 -10.76 3.98
N ARG A 69 2.24 -11.71 3.09
CA ARG A 69 3.18 -12.79 2.77
C ARG A 69 4.09 -12.33 1.62
N ASN A 70 5.05 -11.48 1.97
CA ASN A 70 5.95 -10.85 1.03
C ASN A 70 7.29 -10.70 1.72
N PRO A 71 8.40 -10.46 0.97
CA PRO A 71 9.74 -10.48 1.58
C PRO A 71 9.91 -9.60 2.80
N SER A 72 9.35 -8.39 2.81
CA SER A 72 9.33 -7.58 4.03
C SER A 72 7.92 -7.41 4.56
N TYR A 73 6.99 -8.27 4.14
CA TYR A 73 5.70 -8.51 4.76
C TYR A 73 4.68 -7.40 4.57
N SER A 74 4.71 -6.73 3.41
CA SER A 74 3.63 -5.85 3.00
C SER A 74 3.59 -5.80 1.48
N VAL A 75 2.51 -5.22 0.95
CA VAL A 75 2.37 -4.98 -0.48
C VAL A 75 3.51 -4.14 -1.06
N CYS A 77 6.52 -4.25 -0.78
CA CYS A 77 7.69 -5.01 -1.23
C CYS A 77 7.77 -4.99 -2.76
N ARG A 78 6.60 -5.07 -3.41
CA ARG A 78 6.56 -5.03 -4.88
C ARG A 78 7.10 -3.70 -5.42
N ILE A 79 6.69 -2.57 -4.83
CA ILE A 79 7.11 -1.30 -5.42
C ILE A 79 8.51 -0.90 -4.96
N GLY A 80 8.93 -1.37 -3.78
CA GLY A 80 10.32 -1.16 -3.39
C GLY A 80 11.27 -1.83 -4.37
N ALA A 81 10.95 -3.07 -4.74
CA ALA A 81 11.73 -3.80 -5.72
C ALA A 81 11.71 -3.13 -7.09
N ASN A 82 10.52 -2.84 -7.61
CA ASN A 82 10.47 -2.40 -9.01
C ASN A 82 10.90 -0.94 -9.20
N MET A 83 10.72 -0.09 -8.20
CA MET A 83 11.22 1.28 -8.34
C MET A 83 12.74 1.28 -8.39
N VAL A 84 13.37 0.42 -7.60
CA VAL A 84 14.81 0.26 -7.67
C VAL A 84 15.22 -0.35 -8.99
N TRP A 85 14.52 -1.42 -9.42
CA TRP A 85 14.83 -2.03 -10.71
C TRP A 85 14.74 -1.02 -11.84
N GLN A 86 13.66 -0.22 -11.87
CA GLN A 86 13.47 0.71 -12.98
C GLN A 86 14.54 1.79 -12.97
N ALA A 87 14.92 2.28 -11.79
CA ALA A 87 15.96 3.30 -11.70
C ALA A 87 17.31 2.74 -12.13
N GLU A 88 17.54 1.44 -11.95
CA GLU A 88 18.73 0.80 -12.48
C GLU A 88 18.68 0.70 -14.00
N LYS A 89 17.53 0.27 -14.54
CA LYS A 89 17.40 0.15 -15.99
C LYS A 89 17.43 1.53 -16.66
N ASP A 90 17.01 2.57 -15.95
CA ASP A 90 17.08 3.94 -16.43
C ASP A 90 18.44 4.59 -16.20
N GLY A 91 19.30 3.99 -15.39
CA GLY A 91 20.55 4.62 -15.04
C GLY A 91 20.45 5.73 -14.02
N THR A 92 19.26 6.05 -13.53
CA THR A 92 19.22 7.04 -12.46
C THR A 92 19.70 6.47 -11.12
N LEU A 93 19.98 5.17 -11.06
CA LEU A 93 20.53 4.53 -9.86
C LEU A 93 21.69 3.66 -10.31
N THR A 94 22.87 3.95 -9.79
CA THR A 94 24.07 3.18 -10.08
C THR A 94 24.73 2.76 -8.79
N LYS A 95 25.80 1.97 -8.91
CA LYS A 95 26.52 1.49 -7.73
C LYS A 95 26.98 2.65 -6.85
N GLY A 96 27.38 3.76 -7.45
CA GLY A 96 27.79 4.90 -6.65
C GLY A 96 26.64 5.51 -5.87
N LYS A 97 25.46 5.58 -6.46
CA LYS A 97 24.39 6.43 -5.96
C LYS A 97 23.83 5.89 -4.64
N GLU A 98 23.16 6.79 -3.91
CA GLU A 98 22.60 6.49 -2.60
C GLU A 98 21.11 6.85 -2.59
N ILE A 99 20.30 5.97 -2.03
CA ILE A 99 18.85 6.20 -2.00
C ILE A 99 18.51 7.10 -0.83
N VAL A 100 17.66 8.10 -1.08
CA VAL A 100 17.09 8.94 -0.04
C VAL A 100 15.59 9.05 -0.29
N ASP A 101 14.78 8.77 0.72
CA ASP A 101 13.35 8.98 0.57
C ASP A 101 12.70 9.38 1.90
N ALA A 102 11.50 9.89 1.77
CA ALA A 102 10.67 10.31 2.89
C ALA A 102 9.50 9.34 2.98
N THR A 103 9.51 8.48 3.99
CA THR A 103 8.42 7.53 4.19
C THR A 103 8.44 7.08 5.64
N SER A 104 7.28 7.12 6.28
CA SER A 104 7.10 6.66 7.65
C SER A 104 6.36 5.32 7.71
N GLY A 105 6.27 4.60 6.60
CA GLY A 105 5.49 3.37 6.59
C GLY A 105 6.15 2.18 5.93
N ASN A 106 5.33 1.35 5.27
CA ASN A 106 5.84 0.10 4.75
C ASN A 106 6.80 0.31 3.59
N THR A 107 6.70 1.44 2.86
CA THR A 107 7.62 1.70 1.76
C THR A 107 9.05 1.89 2.25
N GLY A 108 9.22 2.47 3.44
CA GLY A 108 10.55 2.59 4.01
C GLY A 108 11.18 1.24 4.27
N ILE A 109 10.42 0.32 4.89
CA ILE A 109 10.90 -1.03 5.12
C ILE A 109 11.20 -1.74 3.81
N ALA A 110 10.31 -1.56 2.82
CA ALA A 110 10.51 -2.17 1.51
C ALA A 110 11.78 -1.67 0.83
N LEU A 111 11.97 -0.35 0.77
CA LEU A 111 13.20 0.17 0.18
C LEU A 111 14.42 -0.30 0.97
N ALA A 112 14.28 -0.43 2.28
CA ALA A 112 15.38 -0.86 3.12
C ALA A 112 15.81 -2.28 2.78
N TYR A 113 14.86 -3.22 2.75
CA TYR A 113 15.26 -4.60 2.47
C TYR A 113 15.82 -4.73 1.06
N VAL A 114 15.29 -3.95 0.10
CA VAL A 114 15.79 -4.05 -1.27
C VAL A 114 17.18 -3.44 -1.38
N ALA A 115 17.40 -2.28 -0.74
CA ALA A 115 18.72 -1.66 -0.76
C ALA A 115 19.78 -2.58 -0.14
N ALA A 116 19.41 -3.29 0.93
CA ALA A 116 20.35 -4.25 1.52
C ALA A 116 20.56 -5.45 0.59
N ALA A 117 19.49 -5.97 -0.02
CA ALA A 117 19.63 -7.11 -0.92
C ALA A 117 20.43 -6.78 -2.17
N ARG A 118 20.53 -5.51 -2.54
CA ARG A 118 21.14 -5.18 -3.81
C ARG A 118 22.37 -4.30 -3.67
N GLY A 119 22.78 -3.96 -2.45
CA GLY A 119 24.03 -3.28 -2.24
C GLY A 119 23.97 -1.77 -2.36
N TYR A 120 22.85 -1.15 -1.99
CA TYR A 120 22.74 0.30 -1.99
C TYR A 120 22.72 0.81 -0.55
N LYS A 121 23.45 1.88 -0.34
CA LYS A 121 23.27 2.71 0.83
C LYS A 121 21.94 3.45 0.72
N ILE A 122 21.24 3.60 1.83
CA ILE A 122 19.94 4.25 1.81
C ILE A 122 19.79 5.10 3.06
N THR A 123 19.20 6.27 2.88
CA THR A 123 18.83 7.18 3.94
C THR A 123 17.32 7.36 3.94
N LEU A 124 16.70 7.22 5.10
CA LEU A 124 15.26 7.49 5.23
C LEU A 124 15.05 8.59 6.26
N THR A 125 14.07 9.44 5.98
CA THR A 125 13.68 10.54 6.85
C THR A 125 12.24 10.33 7.30
N MET A 126 11.94 10.79 8.51
CA MET A 126 10.65 10.53 9.14
C MET A 126 10.54 11.39 10.40
N PRO A 127 9.32 11.65 10.87
CA PRO A 127 9.14 12.42 12.11
C PRO A 127 9.50 11.59 13.34
N GLU A 128 9.60 12.29 14.48
CA GLU A 128 9.86 11.62 15.75
C GLU A 128 8.70 10.73 16.17
N THR A 129 7.51 10.97 15.58
CA THR A 129 6.27 10.24 15.82
C THR A 129 6.46 8.72 15.85
N MET A 130 7.45 8.22 15.12
CA MET A 130 7.50 6.81 14.76
C MET A 130 7.78 5.92 15.98
N SER A 131 7.15 4.75 15.96
CA SER A 131 7.37 3.76 17.00
C SER A 131 8.83 3.33 17.00
N LEU A 132 9.37 3.14 18.21
CA LEU A 132 10.76 2.69 18.35
C LEU A 132 10.99 1.37 17.63
N GLU A 133 9.97 0.52 17.57
CA GLU A 133 10.12 -0.77 16.88
C GLU A 133 10.31 -0.58 15.38
N ARG A 134 9.54 0.34 14.77
CA ARG A 134 9.74 0.64 13.37
C ARG A 134 11.12 1.23 13.11
N LYS A 135 11.67 1.96 14.09
CA LYS A 135 13.01 2.51 13.94
C LYS A 135 14.08 1.45 14.20
N ARG A 136 13.87 0.59 15.21
CA ARG A 136 14.79 -0.52 15.43
C ARG A 136 14.80 -1.46 14.24
N LEU A 137 13.64 -1.67 13.62
CA LEU A 137 13.57 -2.47 12.41
C LEU A 137 14.42 -1.84 11.29
N LEU A 138 14.26 -0.53 11.09
CA LEU A 138 14.94 0.14 9.98
C LEU A 138 16.44 0.19 10.20
N CYS A 139 16.87 0.48 11.44
CA CYS A 139 18.29 0.39 11.76
C CYS A 139 18.79 -1.03 11.60
N GLY A 140 17.99 -2.01 12.02
CA GLY A 140 18.34 -3.40 11.81
C GLY A 140 18.60 -3.73 10.35
N LEU A 141 17.83 -3.12 9.44
CA LEU A 141 18.04 -3.30 8.01
C LEU A 141 19.16 -2.42 7.46
N GLY A 142 19.79 -1.59 8.29
CA GLY A 142 20.93 -0.82 7.85
C GLY A 142 20.62 0.55 7.29
N VAL A 143 19.42 1.07 7.54
CA VAL A 143 19.05 2.40 7.05
C VAL A 143 19.82 3.47 7.81
N ASN A 144 20.29 4.49 7.08
CA ASN A 144 20.74 5.76 7.66
C ASN A 144 19.50 6.55 8.04
N LEU A 145 19.04 6.41 9.27
CA LEU A 145 17.84 7.11 9.69
C LEU A 145 18.15 8.58 9.98
N VAL A 146 17.34 9.47 9.41
CA VAL A 146 17.39 10.91 9.68
C VAL A 146 16.03 11.34 10.21
N LEU A 147 16.02 11.82 11.46
CA LEU A 147 14.80 12.10 12.18
C LEU A 147 14.49 13.60 12.11
N THR A 148 13.27 13.95 11.68
CA THR A 148 12.80 15.33 11.57
C THR A 148 11.82 15.65 12.70
N GLU A 149 11.41 16.92 12.77
CA GLU A 149 10.61 17.42 13.87
C GLU A 149 9.21 16.83 13.85
N GLY A 150 8.74 16.35 15.01
CA GLY A 150 7.46 15.68 15.08
C GLY A 150 6.30 16.57 14.70
N ALA A 151 6.24 17.77 15.30
CA ALA A 151 5.18 18.72 14.96
C ALA A 151 5.14 19.03 13.47
N LYS A 152 6.29 18.96 12.79
CA LYS A 152 6.32 19.21 11.35
C LYS A 152 5.66 18.08 10.58
N GLY A 153 5.78 16.84 11.06
CA GLY A 153 5.09 15.70 10.47
C GLY A 153 5.67 15.16 9.18
N ALA A 154 4.79 14.73 8.26
CA ALA A 154 5.25 14.21 6.98
C ALA A 154 5.93 15.29 6.14
N LYS A 155 5.38 16.51 6.15
CA LYS A 155 5.98 17.57 5.34
C LYS A 155 7.39 17.90 5.81
N GLY A 156 7.60 17.91 7.13
CA GLY A 156 8.95 18.10 7.65
C GLY A 156 9.93 17.05 7.16
N ALA A 157 9.48 15.79 7.06
CA ALA A 157 10.35 14.73 6.59
C ALA A 157 10.67 14.88 5.11
N ILE A 158 9.65 15.08 4.27
CA ILE A 158 9.92 15.19 2.83
C ILE A 158 10.75 16.44 2.54
N ALA A 159 10.60 17.49 3.34
CA ALA A 159 11.43 18.68 3.18
C ALA A 159 12.91 18.33 3.36
N LYS A 160 13.26 17.72 4.50
CA LYS A 160 14.66 17.42 4.79
C LYS A 160 15.26 16.47 3.75
N ALA A 161 14.48 15.48 3.31
CA ALA A 161 14.98 14.57 2.29
C ALA A 161 15.37 15.31 1.02
N GLU A 162 14.52 16.24 0.58
CA GLU A 162 14.82 17.01 -0.62
C GLU A 162 16.07 17.88 -0.45
N GLU A 163 16.32 18.39 0.77
CA GLU A 163 17.57 19.12 1.00
C GLU A 163 18.77 18.21 0.90
N ILE A 164 18.70 17.01 1.49
CA ILE A 164 19.78 16.05 1.35
C ILE A 164 20.06 15.77 -0.12
N VAL A 165 18.99 15.56 -0.90
CA VAL A 165 19.14 15.33 -2.34
C VAL A 165 19.72 16.56 -3.03
N ALA A 166 19.43 17.76 -2.51
CA ALA A 166 20.04 18.96 -3.08
C ALA A 166 21.53 19.06 -2.79
N SER A 167 22.02 18.42 -1.73
CA SER A 167 23.45 18.46 -1.40
C SER A 167 24.30 17.98 -2.56
N ASP A 168 24.01 16.80 -3.08
CA ASP A 168 24.81 16.17 -4.13
C ASP A 168 23.86 15.42 -5.06
N PRO A 169 23.14 16.16 -5.92
CA PRO A 169 22.18 15.51 -6.83
C PRO A 169 22.76 14.36 -7.63
N SER A 170 24.07 14.35 -7.89
CA SER A 170 24.68 13.23 -8.58
C SER A 170 24.92 12.04 -7.67
N ARG A 171 24.73 12.20 -6.36
CA ARG A 171 24.98 11.14 -5.40
C ARG A 171 23.72 10.53 -4.83
N TYR A 172 22.61 11.26 -4.84
CA TYR A 172 21.38 10.84 -4.19
C TYR A 172 20.28 10.62 -5.21
N VAL A 173 19.46 9.60 -4.96
CA VAL A 173 18.30 9.29 -5.80
C VAL A 173 17.10 9.15 -4.88
N MET A 174 16.07 9.95 -5.14
CA MET A 174 14.78 9.85 -4.48
C MET A 174 13.82 9.15 -5.43
N LEU A 175 13.09 8.16 -4.92
CA LEU A 175 12.29 7.31 -5.81
C LEU A 175 10.83 7.74 -5.90
N LYS A 176 10.31 8.42 -4.88
CA LYS A 176 9.03 9.13 -4.95
C LYS A 176 7.86 8.19 -5.24
N GLN A 177 7.44 7.43 -4.21
CA GLN A 177 6.41 6.41 -4.37
C GLN A 177 5.07 7.00 -4.84
N PHE A 178 4.79 8.25 -4.48
CA PHE A 178 3.51 8.85 -4.85
C PHE A 178 3.43 9.21 -6.32
N GLU A 179 4.57 9.29 -7.02
CA GLU A 179 4.60 9.75 -8.41
C GLU A 179 5.29 8.79 -9.36
N ASN A 180 6.11 7.89 -8.88
CA ASN A 180 6.89 7.01 -9.73
C ASN A 180 6.01 5.99 -10.43
N PRO A 181 5.90 6.01 -11.77
CA PRO A 181 5.04 5.04 -12.46
C PRO A 181 5.49 3.59 -12.30
N ALA A 182 6.71 3.35 -11.83
CA ALA A 182 7.11 1.97 -11.56
C ALA A 182 6.31 1.37 -10.42
N ASN A 183 5.64 2.19 -9.62
CA ASN A 183 4.76 1.76 -8.53
C ASN A 183 3.52 1.06 -9.13
N PRO A 184 2.61 1.72 -9.87
CA PRO A 184 1.48 0.96 -10.43
C PRO A 184 1.90 -0.06 -11.49
N GLN A 185 3.02 0.15 -12.17
CA GLN A 185 3.45 -0.79 -13.20
C GLN A 185 3.73 -2.19 -12.63
N ILE A 186 4.34 -2.29 -11.46
CA ILE A 186 4.58 -3.63 -10.91
C ILE A 186 3.26 -4.32 -10.54
N HIS A 187 2.26 -3.56 -10.08
CA HIS A 187 0.95 -4.18 -9.84
C HIS A 187 0.27 -4.58 -11.14
N ARG A 188 0.58 -3.88 -12.23
CA ARG A 188 0.00 -4.25 -13.51
C ARG A 188 0.63 -5.53 -14.04
N GLU A 189 1.91 -5.77 -13.73
CA GLU A 189 2.63 -6.92 -14.25
C GLU A 189 2.60 -8.14 -13.31
N THR A 190 2.34 -7.96 -12.02
CA THR A 190 2.30 -9.09 -11.09
C THR A 190 0.98 -9.17 -10.34
N THR A 191 0.65 -8.18 -9.49
CA THR A 191 -0.50 -8.31 -8.60
C THR A 191 -1.79 -8.58 -9.39
N GLY A 192 -2.04 -7.79 -10.44
CA GLY A 192 -3.20 -7.96 -11.29
C GLY A 192 -3.30 -9.32 -11.95
N PRO A 193 -2.28 -9.71 -12.73
CA PRO A 193 -2.30 -11.05 -13.34
C PRO A 193 -2.42 -12.19 -12.35
N GLU A 194 -1.77 -12.08 -11.17
CA GLU A 194 -1.95 -13.10 -10.13
C GLU A 194 -3.43 -13.23 -9.78
N ILE A 195 -4.14 -12.10 -9.64
CA ILE A 195 -5.56 -12.15 -9.33
C ILE A 195 -6.34 -12.76 -10.49
N TRP A 196 -6.02 -12.37 -11.73
CA TRP A 196 -6.69 -12.98 -12.88
C TRP A 196 -6.47 -14.50 -12.90
N LYS A 197 -5.21 -14.93 -12.79
CA LYS A 197 -4.88 -16.35 -12.88
C LYS A 197 -5.55 -17.15 -11.76
N ASP A 198 -5.42 -16.67 -10.51
CA ASP A 198 -5.88 -17.47 -9.37
C ASP A 198 -7.40 -17.57 -9.31
N THR A 199 -8.13 -16.62 -9.92
CA THR A 199 -9.59 -16.69 -10.00
C THR A 199 -10.08 -17.26 -11.33
N ASP A 200 -9.18 -17.59 -12.25
CA ASP A 200 -9.54 -18.09 -13.59
C ASP A 200 -10.42 -17.09 -14.35
N GLY A 201 -10.06 -15.81 -14.26
CA GLY A 201 -10.82 -14.75 -14.90
C GLY A 201 -12.16 -14.44 -14.27
N LYS A 202 -12.48 -15.02 -13.13
CA LYS A 202 -13.82 -14.82 -12.58
C LYS A 202 -13.92 -13.62 -11.63
N VAL A 203 -12.80 -12.99 -11.26
CA VAL A 203 -12.86 -11.78 -10.44
C VAL A 203 -13.83 -10.80 -11.07
N ASP A 204 -14.78 -10.31 -10.26
CA ASP A 204 -15.73 -9.28 -10.71
C ASP A 204 -15.48 -7.92 -10.08
N VAL A 205 -14.86 -7.88 -8.91
CA VAL A 205 -14.69 -6.66 -8.15
C VAL A 205 -13.32 -6.72 -7.48
N VAL A 206 -12.59 -5.60 -7.50
CA VAL A 206 -11.36 -5.45 -6.73
C VAL A 206 -11.56 -4.30 -5.74
N VAL A 207 -11.35 -4.59 -4.47
CA VAL A 207 -11.47 -3.61 -3.41
C VAL A 207 -10.08 -3.41 -2.84
N ALA A 208 -9.65 -2.15 -2.73
CA ALA A 208 -8.27 -1.86 -2.32
C ALA A 208 -8.22 -0.47 -1.70
N GLY A 209 -7.64 -0.38 -0.50
CA GLY A 209 -7.38 0.93 0.06
C GLY A 209 -6.40 1.71 -0.80
N VAL A 210 -6.49 3.03 -0.75
CA VAL A 210 -5.61 3.88 -1.54
C VAL A 210 -4.65 4.60 -0.62
N GLY A 211 -3.35 4.34 -0.79
CA GLY A 211 -2.33 5.14 -0.17
C GLY A 211 -1.63 6.01 -1.20
N THR A 212 -0.69 5.41 -1.92
CA THR A 212 -0.17 6.00 -3.14
C THR A 212 -1.11 5.80 -4.33
N GLY A 213 -2.01 4.81 -4.26
CA GLY A 213 -2.90 4.52 -5.35
C GLY A 213 -2.40 3.49 -6.33
N GLY A 214 -1.15 3.03 -6.17
CA GLY A 214 -0.55 2.17 -7.18
C GLY A 214 -1.23 0.81 -7.30
N SER A 215 -1.61 0.22 -6.16
CA SER A 215 -2.25 -1.09 -6.18
C SER A 215 -3.52 -1.06 -7.03
N ILE A 216 -4.48 -0.19 -6.68
CA ILE A 216 -5.75 -0.22 -7.40
C ILE A 216 -5.55 0.19 -8.85
N THR A 217 -4.62 1.12 -9.10
CA THR A 217 -4.34 1.56 -10.46
C THR A 217 -3.76 0.42 -11.30
N GLY A 218 -2.67 -0.18 -10.83
CA GLY A 218 -2.06 -1.28 -11.57
C GLY A 218 -2.98 -2.47 -11.74
N ILE A 219 -3.68 -2.87 -10.68
CA ILE A 219 -4.56 -4.04 -10.77
C ILE A 219 -5.67 -3.78 -11.76
N SER A 220 -6.26 -2.58 -11.71
CA SER A 220 -7.39 -2.28 -12.58
C SER A 220 -6.95 -2.23 -14.04
N ARG A 221 -5.81 -1.61 -14.32
CA ARG A 221 -5.33 -1.56 -15.69
C ARG A 221 -5.06 -2.96 -16.25
N ALA A 222 -4.44 -3.83 -15.43
CA ALA A 222 -4.16 -5.18 -15.92
C ALA A 222 -5.45 -5.94 -16.23
N ILE A 223 -6.44 -5.87 -15.35
CA ILE A 223 -7.62 -6.70 -15.55
C ILE A 223 -8.56 -6.09 -16.59
N LYS A 224 -8.73 -4.75 -16.57
CA LYS A 224 -9.62 -4.12 -17.54
C LYS A 224 -8.98 -4.05 -18.93
N LEU A 225 -7.70 -3.69 -19.01
CA LEU A 225 -7.07 -3.35 -20.28
C LEU A 225 -6.27 -4.49 -20.89
N ASP A 226 -5.47 -5.22 -20.09
CA ASP A 226 -4.70 -6.34 -20.62
C ASP A 226 -5.54 -7.61 -20.72
N PHE A 227 -6.37 -7.90 -19.73
CA PHE A 227 -7.24 -9.07 -19.84
C PHE A 227 -8.62 -8.74 -20.40
N GLY A 228 -9.07 -7.50 -20.28
CA GLY A 228 -10.24 -7.07 -21.00
C GLY A 228 -11.58 -7.29 -20.34
N LYS A 229 -11.63 -7.48 -19.02
CA LYS A 229 -12.89 -7.75 -18.31
C LYS A 229 -13.34 -6.52 -17.55
N GLN A 230 -14.62 -6.14 -17.70
CA GLN A 230 -15.12 -4.89 -17.13
C GLN A 230 -15.57 -5.12 -15.68
N ILE A 231 -14.59 -5.11 -14.78
CA ILE A 231 -14.83 -5.30 -13.35
C ILE A 231 -15.20 -3.96 -12.71
N THR A 232 -15.53 -4.01 -11.42
CA THR A 232 -15.75 -2.81 -10.62
C THR A 232 -14.53 -2.57 -9.73
N SER A 233 -13.84 -1.45 -9.96
CA SER A 233 -12.69 -1.06 -9.16
C SER A 233 -13.15 -0.13 -8.05
N VAL A 234 -12.95 -0.56 -6.80
CA VAL A 234 -13.47 0.12 -5.62
C VAL A 234 -12.29 0.65 -4.81
N ALA A 235 -12.16 1.98 -4.74
CA ALA A 235 -11.14 2.58 -3.88
C ALA A 235 -11.74 2.76 -2.49
N VAL A 236 -10.90 2.56 -1.47
CA VAL A 236 -11.31 2.66 -0.08
C VAL A 236 -10.48 3.75 0.58
N GLU A 237 -11.14 4.68 1.27
CA GLU A 237 -10.46 5.75 1.99
C GLU A 237 -11.11 5.93 3.35
N PRO A 238 -10.40 6.53 4.32
CA PRO A 238 -11.03 6.78 5.63
C PRO A 238 -12.14 7.79 5.48
N VAL A 239 -13.25 7.55 6.17
CA VAL A 239 -14.30 8.55 6.24
C VAL A 239 -13.79 9.84 6.88
N GLU A 240 -12.72 9.76 7.69
CA GLU A 240 -12.15 10.93 8.34
C GLU A 240 -11.34 11.81 7.38
N SER A 241 -10.98 11.29 6.21
CA SER A 241 -10.16 12.04 5.26
C SER A 241 -10.58 11.65 3.85
N PRO A 242 -11.82 11.91 3.48
CA PRO A 242 -12.40 11.31 2.27
C PRO A 242 -12.17 12.17 1.02
N VAL A 243 -10.89 12.43 0.72
CA VAL A 243 -10.57 13.44 -0.31
C VAL A 243 -10.92 12.93 -1.70
N ILE A 244 -10.90 11.61 -1.92
CA ILE A 244 -11.31 11.09 -3.23
C ILE A 244 -12.80 11.30 -3.44
N SER A 245 -13.62 10.85 -2.47
CA SER A 245 -15.07 11.06 -2.56
C SER A 245 -15.40 12.53 -2.76
N GLN A 246 -14.75 13.39 -1.98
CA GLN A 246 -15.01 14.83 -2.05
C GLN A 246 -14.57 15.41 -3.39
N THR A 247 -13.40 15.01 -3.88
CA THR A 247 -12.97 15.48 -5.20
C THR A 247 -13.94 15.04 -6.29
N LEU A 248 -14.21 13.74 -6.38
CA LEU A 248 -15.11 13.27 -7.43
C LEU A 248 -16.48 13.91 -7.31
N ALA A 249 -16.91 14.22 -6.08
CA ALA A 249 -18.21 14.86 -5.87
C ALA A 249 -18.18 16.36 -6.12
N GLY A 250 -17.02 16.93 -6.42
CA GLY A 250 -16.90 18.38 -6.53
C GLY A 250 -17.21 19.12 -5.25
N GLU A 251 -16.98 18.48 -4.10
CA GLU A 251 -17.12 19.10 -2.79
C GLU A 251 -15.76 19.59 -2.31
N GLU A 252 -15.80 20.49 -1.32
CA GLU A 252 -14.56 20.99 -0.71
C GLU A 252 -13.74 19.82 -0.18
N VAL A 253 -12.43 19.86 -0.44
CA VAL A 253 -11.54 18.77 -0.05
C VAL A 253 -11.03 19.05 1.37
N LYS A 254 -11.47 18.23 2.33
CA LYS A 254 -11.15 18.41 3.74
C LYS A 254 -10.37 17.22 4.27
N PRO A 255 -9.04 17.20 4.14
CA PRO A 255 -8.26 16.13 4.75
C PRO A 255 -8.38 16.16 6.27
N GLY A 256 -8.16 14.99 6.88
CA GLY A 256 -8.15 14.90 8.32
C GLY A 256 -7.29 13.77 8.85
N PRO A 257 -7.04 13.80 10.16
CA PRO A 257 -6.33 12.69 10.81
C PRO A 257 -7.22 11.46 11.01
N HIS A 258 -6.60 10.28 10.91
CA HIS A 258 -7.31 9.01 11.07
C HIS A 258 -6.30 7.99 11.58
N LYS A 259 -6.76 6.78 11.89
CA LYS A 259 -5.85 5.76 12.39
C LYS A 259 -5.59 4.62 11.41
N ILE A 260 -5.99 4.75 10.14
CA ILE A 260 -5.90 3.63 9.20
C ILE A 260 -4.55 3.73 8.50
N GLN A 261 -3.53 3.16 9.13
CA GLN A 261 -2.16 3.27 8.62
C GLN A 261 -2.04 2.67 7.23
N GLY A 262 -1.47 3.44 6.31
CA GLY A 262 -1.22 2.99 4.96
C GLY A 262 -2.12 3.64 3.92
N ILE A 263 -3.25 4.21 4.32
CA ILE A 263 -4.14 4.89 3.39
C ILE A 263 -4.46 6.27 3.95
N GLY A 264 -5.26 7.03 3.21
CA GLY A 264 -5.68 8.33 3.65
C GLY A 264 -4.55 9.35 3.68
N ALA A 265 -3.90 9.53 2.54
CA ALA A 265 -2.82 10.51 2.42
C ALA A 265 -3.30 11.94 2.60
N GLY A 266 -4.60 12.21 2.46
CA GLY A 266 -5.08 13.57 2.52
C GLY A 266 -4.95 14.37 1.23
N PHE A 267 -4.52 13.73 0.15
CA PHE A 267 -4.48 14.33 -1.18
C PHE A 267 -4.68 13.22 -2.20
N ILE A 268 -4.89 13.62 -3.45
CA ILE A 268 -5.00 12.69 -4.57
C ILE A 268 -3.58 12.42 -5.08
N PRO A 269 -3.05 11.21 -4.92
CA PRO A 269 -1.70 10.95 -5.44
C PRO A 269 -1.69 10.84 -6.95
N LYS A 270 -0.55 11.20 -7.54
CA LYS A 270 -0.35 11.02 -8.98
C LYS A 270 -0.54 9.56 -9.40
N ASN A 271 -0.10 8.61 -8.57
CA ASN A 271 -0.23 7.19 -8.91
C ASN A 271 -1.63 6.62 -8.65
N LEU A 272 -2.63 7.46 -8.30
CA LEU A 272 -4.02 7.05 -8.30
C LEU A 272 -4.64 7.50 -9.62
N ASP A 273 -4.95 6.54 -10.50
CA ASP A 273 -5.61 6.81 -11.78
C ASP A 273 -7.11 6.89 -11.53
N LEU A 274 -7.61 8.11 -11.32
CA LEU A 274 -9.03 8.30 -11.03
C LEU A 274 -9.92 7.73 -12.13
N SER A 275 -9.45 7.76 -13.40
CA SER A 275 -10.28 7.39 -14.55
C SER A 275 -10.66 5.92 -14.55
N ILE A 276 -9.98 5.10 -13.75
CA ILE A 276 -10.20 3.66 -13.74
C ILE A 276 -10.94 3.23 -12.48
N ILE A 277 -11.28 4.18 -11.60
CA ILE A 277 -11.98 3.91 -10.36
C ILE A 277 -13.48 3.99 -10.61
N ASP A 278 -14.21 2.91 -10.31
CA ASP A 278 -15.65 2.93 -10.52
C ASP A 278 -16.43 3.36 -9.29
N ARG A 279 -15.84 3.24 -8.11
CA ARG A 279 -16.60 3.40 -6.89
C ARG A 279 -15.63 3.70 -5.75
N VAL A 280 -16.05 4.53 -4.81
CA VAL A 280 -15.24 4.90 -3.66
C VAL A 280 -16.03 4.56 -2.41
N GLU A 281 -15.46 3.74 -1.53
CA GLU A 281 -16.08 3.42 -0.25
C GLU A 281 -15.28 4.04 0.88
N THR A 282 -15.99 4.64 1.84
CA THR A 282 -15.36 5.22 3.03
C THR A 282 -15.63 4.33 4.23
N VAL A 283 -14.59 4.21 5.08
CA VAL A 283 -14.60 3.39 6.28
C VAL A 283 -14.03 4.21 7.41
N ASP A 284 -14.58 4.06 8.61
CA ASP A 284 -14.06 4.79 9.76
C ASP A 284 -13.03 3.93 10.51
N SER A 285 -12.18 4.63 11.28
CA SER A 285 -11.05 3.98 11.94
C SER A 285 -11.49 2.87 12.89
N ASP A 286 -12.54 3.11 13.68
CA ASP A 286 -13.02 2.11 14.63
C ASP A 286 -13.54 0.86 13.92
N THR A 287 -14.30 1.04 12.84
CA THR A 287 -14.77 -0.11 12.05
C THR A 287 -13.59 -0.84 11.41
N ALA A 288 -12.64 -0.11 10.85
CA ALA A 288 -11.43 -0.74 10.29
C ALA A 288 -10.73 -1.59 11.35
N LEU A 289 -10.57 -1.04 12.56
CA LEU A 289 -9.90 -1.76 13.64
C LEU A 289 -10.72 -2.95 14.10
N ALA A 290 -12.04 -2.77 14.27
CA ALA A 290 -12.88 -3.91 14.67
C ALA A 290 -12.83 -5.02 13.63
N THR A 291 -12.79 -4.65 12.34
CA THR A 291 -12.84 -5.65 11.27
C THR A 291 -11.53 -6.44 11.20
N ALA A 292 -10.41 -5.76 11.45
CA ALA A 292 -9.13 -6.46 11.56
C ALA A 292 -9.14 -7.48 12.69
N ARG A 293 -9.70 -7.11 13.83
CA ARG A 293 -9.77 -8.06 14.95
C ARG A 293 -10.67 -9.23 14.61
N ARG A 294 -11.77 -8.98 13.89
CA ARG A 294 -12.64 -10.06 13.45
C ARG A 294 -11.92 -10.98 12.47
N LEU A 295 -11.13 -10.43 11.55
CA LEU A 295 -10.33 -11.27 10.66
C LEU A 295 -9.44 -12.21 11.44
N MET A 296 -8.82 -11.71 12.52
CA MET A 296 -7.98 -12.54 13.38
C MET A 296 -8.82 -13.61 14.09
N ALA A 297 -9.85 -13.19 14.83
CA ALA A 297 -10.55 -14.09 15.74
C ALA A 297 -11.52 -15.01 15.02
N GLU A 298 -12.04 -14.61 13.87
CA GLU A 298 -13.02 -15.42 13.16
C GLU A 298 -12.47 -16.11 11.92
N GLU A 299 -11.48 -15.51 11.25
CA GLU A 299 -10.90 -16.11 10.07
C GLU A 299 -9.50 -16.65 10.30
N GLY A 300 -8.87 -16.35 11.44
CA GLY A 300 -7.51 -16.78 11.63
C GLY A 300 -6.56 -16.12 10.67
N ILE A 301 -6.85 -14.89 10.27
CA ILE A 301 -6.05 -14.14 9.32
C ILE A 301 -5.44 -12.96 10.06
N LEU A 302 -4.11 -12.87 10.04
CA LEU A 302 -3.36 -11.89 10.82
C LEU A 302 -3.15 -10.65 9.95
N ALA A 303 -4.15 -9.78 9.93
CA ALA A 303 -4.18 -8.66 9.01
C ALA A 303 -3.98 -7.34 9.73
N GLY A 304 -3.40 -6.38 9.03
CA GLY A 304 -3.22 -5.05 9.58
C GLY A 304 -4.51 -4.27 9.53
N ILE A 305 -4.43 -3.01 9.96
CA ILE A 305 -5.65 -2.23 10.17
C ILE A 305 -6.24 -1.75 8.84
N SER A 306 -5.41 -1.38 7.87
CA SER A 306 -5.94 -1.06 6.55
C SER A 306 -6.53 -2.29 5.87
N SER A 307 -6.08 -3.49 6.27
CA SER A 307 -6.76 -4.70 5.81
C SER A 307 -8.20 -4.75 6.34
N GLY A 308 -8.42 -4.33 7.59
CA GLY A 308 -9.78 -4.28 8.12
C GLY A 308 -10.64 -3.27 7.39
N ALA A 309 -10.09 -2.12 7.03
CA ALA A 309 -10.86 -1.13 6.29
C ALA A 309 -11.30 -1.69 4.94
N ALA A 310 -10.37 -2.33 4.21
CA ALA A 310 -10.73 -2.84 2.89
C ALA A 310 -11.78 -3.96 2.98
N VAL A 311 -11.65 -4.85 3.96
CA VAL A 311 -12.66 -5.90 4.13
C VAL A 311 -14.00 -5.30 4.52
N ALA A 312 -14.03 -4.30 5.43
CA ALA A 312 -15.31 -3.68 5.80
C ALA A 312 -16.01 -3.07 4.59
N ALA A 313 -15.25 -2.41 3.71
CA ALA A 313 -15.83 -1.91 2.48
C ALA A 313 -16.28 -3.06 1.57
N ALA A 314 -15.52 -4.14 1.52
CA ALA A 314 -15.91 -5.29 0.69
C ALA A 314 -17.17 -5.96 1.22
N ASP A 315 -17.30 -6.11 2.53
CA ASP A 315 -18.47 -6.74 3.11
C ASP A 315 -19.73 -5.95 2.76
N ARG A 316 -19.63 -4.61 2.79
CA ARG A 316 -20.73 -3.74 2.45
C ARG A 316 -21.20 -3.98 1.01
N LEU A 317 -20.27 -4.02 0.06
CA LEU A 317 -20.67 -4.30 -1.32
C LEU A 317 -21.21 -5.72 -1.46
N ALA A 318 -20.54 -6.68 -0.83
CA ALA A 318 -20.89 -8.09 -0.97
C ALA A 318 -22.29 -8.41 -0.47
N LYS A 319 -22.91 -7.51 0.32
CA LYS A 319 -24.22 -7.76 0.89
C LYS A 319 -25.29 -6.91 0.24
N LEU A 320 -24.95 -6.23 -0.83
CA LEU A 320 -25.86 -5.65 -1.80
C LEU A 320 -26.25 -6.70 -2.83
N PRO A 321 -27.55 -6.95 -3.04
CA PRO A 321 -27.94 -7.96 -4.05
C PRO A 321 -27.26 -7.79 -5.39
N GLU A 322 -26.96 -6.55 -5.80
CA GLU A 322 -26.27 -6.35 -7.06
C GLU A 322 -24.85 -6.93 -7.06
N PHE A 323 -24.25 -7.23 -5.91
CA PHE A 323 -22.94 -7.86 -5.88
C PHE A 323 -22.95 -9.24 -5.24
N ALA A 324 -24.10 -9.71 -4.77
CA ALA A 324 -24.11 -10.89 -3.91
C ALA A 324 -23.68 -12.15 -4.65
N ASP A 325 -23.71 -12.12 -5.98
CA ASP A 325 -23.26 -13.22 -6.82
C ASP A 325 -21.91 -12.96 -7.48
N LYS A 326 -21.29 -11.82 -7.22
CA LYS A 326 -20.01 -11.49 -7.84
C LYS A 326 -18.88 -12.00 -6.97
N LEU A 327 -17.73 -12.24 -7.60
CA LEU A 327 -16.52 -12.59 -6.87
C LEU A 327 -15.75 -11.31 -6.55
N ILE A 328 -15.58 -11.04 -5.26
CA ILE A 328 -14.96 -9.79 -4.81
C ILE A 328 -13.58 -10.13 -4.27
N VAL A 329 -12.54 -9.52 -4.84
CA VAL A 329 -11.16 -9.69 -4.40
C VAL A 329 -10.70 -8.44 -3.65
N VAL A 330 -10.21 -8.64 -2.43
CA VAL A 330 -9.84 -7.58 -1.51
C VAL A 330 -8.36 -7.69 -1.23
N ILE A 331 -7.64 -6.60 -1.44
CA ILE A 331 -6.22 -6.54 -1.09
C ILE A 331 -6.11 -6.35 0.42
N LEU A 332 -5.29 -7.20 1.06
CA LEU A 332 -4.88 -7.05 2.45
C LEU A 332 -3.42 -6.64 2.47
N PRO A 333 -3.10 -5.36 2.66
CA PRO A 333 -1.74 -4.87 2.37
C PRO A 333 -0.65 -5.37 3.31
N SER A 334 -0.96 -5.72 4.56
CA SER A 334 0.08 -5.94 5.54
C SER A 334 -0.40 -6.92 6.60
N ALA A 335 0.52 -7.30 7.48
CA ALA A 335 0.27 -8.28 8.53
C ALA A 335 0.05 -7.60 9.89
N SER A 336 -0.55 -8.36 10.81
CA SER A 336 -0.95 -7.83 12.11
C SER A 336 0.24 -7.31 12.91
N GLU A 337 1.32 -8.09 13.00
CA GLU A 337 2.41 -7.78 13.93
C GLU A 337 3.14 -6.47 13.62
N ARG A 338 2.95 -5.88 12.44
CA ARG A 338 3.35 -4.49 12.22
C ARG A 338 2.65 -3.53 13.17
N TYR A 339 1.67 -4.02 13.94
CA TYR A 339 0.74 -3.17 14.69
C TYR A 339 0.54 -3.69 16.11
N LEU A 340 1.46 -4.52 16.61
CA LEU A 340 1.26 -5.15 17.92
C LEU A 340 1.14 -4.10 19.01
N SER A 341 1.90 -3.02 18.92
CA SER A 341 1.84 -1.93 19.88
C SER A 341 1.13 -0.71 19.28
N THR A 342 -0.12 -0.93 18.86
CA THR A 342 -0.97 0.16 18.40
C THR A 342 -2.39 -0.11 18.91
N ALA A 343 -3.34 0.71 18.43
CA ALA A 343 -4.74 0.55 18.81
C ALA A 343 -5.34 -0.79 18.40
N LEU A 344 -4.66 -1.56 17.54
CA LEU A 344 -5.20 -2.85 17.10
C LEU A 344 -5.39 -3.80 18.28
N PHE A 345 -4.39 -3.92 19.14
CA PHE A 345 -4.47 -4.82 20.29
C PHE A 345 -4.73 -4.05 21.57
N THR B 3 -2.04 7.82 14.39
CA THR B 3 -2.71 8.87 13.61
C THR B 3 -1.85 9.38 12.42
N PHE B 4 -2.49 9.58 11.26
CA PHE B 4 -1.80 9.75 9.98
C PHE B 4 -2.45 10.82 9.12
N GLU B 5 -1.61 11.68 8.52
CA GLU B 5 -2.10 12.70 7.61
C GLU B 5 -0.96 13.11 6.68
N TYR B 6 -1.33 13.60 5.50
CA TYR B 6 -0.38 14.18 4.55
C TYR B 6 0.65 13.15 4.07
N GLY B 7 0.21 11.92 3.81
CA GLY B 7 1.08 10.87 3.31
C GLY B 7 1.81 10.08 4.38
N ASP B 8 1.74 10.50 5.64
CA ASP B 8 2.37 9.78 6.73
C ASP B 8 1.82 8.35 6.84
N GLY B 9 2.68 7.43 7.27
CA GLY B 9 2.27 6.06 7.48
C GLY B 9 2.21 5.20 6.23
N ILE B 10 2.66 5.73 5.09
CA ILE B 10 2.60 5.05 3.80
C ILE B 10 4.01 4.61 3.37
#